data_3FJS
#
_entry.id   3FJS
#
_cell.length_a   63.111
_cell.length_b   64.027
_cell.length_c   97.344
_cell.angle_alpha   90.000
_cell.angle_beta   90.000
_cell.angle_gamma   90.000
#
_symmetry.space_group_name_H-M   'P 21 21 21'
#
loop_
_entity.id
_entity.type
_entity.pdbx_description
1 polymer 'uncharacterized protein with RmlC-like cupin fold'
2 water water
#
_entity_poly.entity_id   1
_entity_poly.type   'polypeptide(L)'
_entity_poly.pdbx_seq_one_letter_code
;G(MSE)SLPHLSSGEVASVLPLGKQLTQTPSAALFKEHRLEV(MSE)R(MSE)VLPAGKQVGSHSVAGPSTIQCLEGEVE
IGVDGAQRRLHQGDLLYLGAGAAHDVNAITNTSLLVTVVLVDRGGS
;
_entity_poly.pdbx_strand_id   A,B,C,D
#
# COMPACT_ATOMS: atom_id res chain seq x y z
N PRO A 5 7.47 -0.84 -25.01
CA PRO A 5 7.09 0.59 -25.01
C PRO A 5 7.69 1.35 -23.81
N HIS A 6 9.01 1.54 -23.86
CA HIS A 6 9.75 2.28 -22.82
C HIS A 6 9.21 3.72 -22.68
N LEU A 7 9.40 4.29 -21.49
CA LEU A 7 8.99 5.66 -21.24
C LEU A 7 9.93 6.62 -21.96
N SER A 8 9.35 7.67 -22.52
CA SER A 8 10.09 8.83 -23.02
C SER A 8 9.86 9.88 -21.93
N SER A 9 10.55 11.02 -22.07
CA SER A 9 10.49 12.12 -21.12
C SER A 9 9.05 12.60 -20.92
N GLY A 10 8.64 12.73 -19.66
CA GLY A 10 7.31 13.16 -19.29
C GLY A 10 6.30 12.05 -19.17
N GLU A 11 6.71 10.79 -19.42
CA GLU A 11 5.79 9.64 -19.35
C GLU A 11 5.90 8.90 -18.04
N VAL A 12 4.83 8.18 -17.73
CA VAL A 12 4.59 7.54 -16.46
C VAL A 12 4.37 6.04 -16.57
N ALA A 13 4.94 5.30 -15.62
CA ALA A 13 4.74 3.85 -15.44
C ALA A 13 4.28 3.64 -14.01
N SER A 14 3.39 2.68 -13.79
CA SER A 14 2.99 2.31 -12.43
C SER A 14 3.97 1.27 -11.89
N VAL A 15 4.50 1.52 -10.71
CA VAL A 15 5.33 0.55 -9.97
C VAL A 15 4.62 0.06 -8.71
N LEU A 16 3.27 0.07 -8.74
CA LEU A 16 2.50 -0.52 -7.67
C LEU A 16 2.82 -1.99 -7.58
N PRO A 17 2.59 -2.58 -6.39
CA PRO A 17 2.77 -4.03 -6.24
C PRO A 17 1.95 -4.80 -7.26
N LEU A 18 2.55 -5.80 -7.87
CA LEU A 18 1.88 -6.68 -8.83
C LEU A 18 0.88 -7.62 -8.16
N GLY A 19 1.14 -7.99 -6.90
CA GLY A 19 0.26 -8.90 -6.17
C GLY A 19 0.09 -10.24 -6.86
N LYS A 20 -1.16 -10.64 -7.07
CA LYS A 20 -1.44 -11.95 -7.72
C LYS A 20 -0.94 -12.11 -9.17
N GLN A 21 -0.71 -10.99 -9.85
CA GLN A 21 -0.16 -10.98 -11.21
C GLN A 21 1.37 -11.07 -11.23
N LEU A 22 2.04 -11.10 -10.06
CA LEU A 22 3.52 -11.10 -9.97
C LEU A 22 4.20 -12.24 -10.74
N THR A 23 3.80 -13.47 -10.48
CA THR A 23 4.42 -14.65 -11.16
C THR A 23 4.11 -14.77 -12.67
N GLN A 24 3.21 -13.95 -13.19
CA GLN A 24 2.86 -13.89 -14.60
C GLN A 24 3.56 -12.69 -15.29
N THR A 25 4.31 -11.87 -14.54
CA THR A 25 4.92 -10.63 -15.06
C THR A 25 6.42 -10.76 -15.17
N PRO A 26 6.98 -10.66 -16.39
CA PRO A 26 8.42 -10.69 -16.49
C PRO A 26 9.05 -9.37 -16.05
N SER A 27 10.32 -9.46 -15.73
CA SER A 27 11.16 -8.29 -15.47
C SER A 27 11.18 -7.45 -16.76
N ALA A 28 11.18 -6.13 -16.63
CA ALA A 28 11.20 -5.28 -17.81
C ALA A 28 11.84 -3.94 -17.49
N ALA A 29 12.42 -3.31 -18.53
CA ALA A 29 12.97 -1.98 -18.39
C ALA A 29 11.82 -1.01 -18.54
N LEU A 30 11.74 -0.04 -17.64
CA LEU A 30 10.79 1.06 -17.72
C LEU A 30 11.35 2.05 -18.74
N PHE A 31 12.65 2.33 -18.66
CA PHE A 31 13.39 3.08 -19.70
C PHE A 31 14.89 2.87 -19.60
N LYS A 32 15.53 3.13 -20.74
CA LYS A 32 16.94 3.00 -20.88
C LYS A 32 17.36 4.22 -21.71
N GLU A 33 18.18 5.07 -21.12
CA GLU A 33 18.69 6.24 -21.81
C GLU A 33 20.19 6.31 -21.58
N HIS A 34 20.83 7.28 -22.24
CA HIS A 34 22.28 7.45 -22.19
C HIS A 34 22.93 7.44 -20.77
N ARG A 35 22.33 8.15 -19.81
CA ARG A 35 22.89 8.24 -18.45
C ARG A 35 22.13 7.49 -17.35
N LEU A 36 21.07 6.76 -17.69
CA LEU A 36 20.19 6.16 -16.67
C LEU A 36 19.36 5.03 -17.23
N GLU A 37 19.23 3.96 -16.44
CA GLU A 37 18.36 2.85 -16.75
C GLU A 37 17.50 2.54 -15.50
N VAL A 38 16.19 2.39 -15.70
CA VAL A 38 15.23 2.06 -14.63
C VAL A 38 14.51 0.80 -15.08
N ARG A 40 12.14 -2.84 -13.62
CA ARG A 40 11.39 -3.57 -12.58
CA ARG A 40 11.46 -3.55 -12.59
C ARG A 40 11.87 -5.01 -12.69
N VAL A 42 11.38 -8.75 -11.42
CA VAL A 42 10.34 -9.59 -10.79
C VAL A 42 11.05 -10.88 -10.47
N LEU A 43 11.12 -11.21 -9.18
CA LEU A 43 11.81 -12.41 -8.73
C LEU A 43 10.83 -13.35 -8.05
N PRO A 44 10.64 -14.57 -8.59
CA PRO A 44 9.81 -15.52 -7.85
C PRO A 44 10.55 -15.93 -6.58
N ALA A 45 9.81 -16.32 -5.56
CA ALA A 45 10.39 -16.76 -4.27
C ALA A 45 11.57 -17.73 -4.49
N GLY A 46 12.70 -17.44 -3.84
CA GLY A 46 13.91 -18.26 -3.92
C GLY A 46 14.91 -17.92 -5.02
N LYS A 47 14.52 -17.07 -5.96
CA LYS A 47 15.40 -16.70 -7.08
C LYS A 47 16.62 -15.95 -6.61
N GLN A 48 17.78 -16.32 -7.14
CA GLN A 48 19.05 -15.72 -6.79
C GLN A 48 19.78 -15.06 -7.96
N VAL A 49 20.41 -13.92 -7.69
CA VAL A 49 21.34 -13.27 -8.61
C VAL A 49 22.67 -13.28 -7.86
N GLY A 50 23.71 -13.83 -8.48
CA GLY A 50 25.03 -13.88 -7.89
C GLY A 50 25.71 -12.53 -7.72
N SER A 51 26.83 -12.55 -6.99
CA SER A 51 27.63 -11.37 -6.64
C SER A 51 28.11 -10.70 -7.91
N HIS A 52 27.80 -9.42 -8.05
CA HIS A 52 28.20 -8.64 -9.23
C HIS A 52 28.15 -7.17 -8.88
N SER A 53 28.65 -6.34 -9.80
CA SER A 53 28.67 -4.90 -9.62
C SER A 53 28.50 -4.21 -10.93
N VAL A 54 28.07 -2.94 -10.85
CA VAL A 54 27.97 -2.08 -12.03
C VAL A 54 28.87 -0.85 -11.74
N ALA A 55 29.27 -0.18 -12.81
CA ALA A 55 30.22 0.94 -12.73
C ALA A 55 29.64 2.19 -12.11
N GLY A 56 28.33 2.38 -12.19
CA GLY A 56 27.72 3.57 -11.64
C GLY A 56 26.99 3.29 -10.35
N PRO A 57 26.61 4.34 -9.63
CA PRO A 57 25.83 4.07 -8.42
C PRO A 57 24.41 3.62 -8.81
N SER A 58 23.71 3.03 -7.84
CA SER A 58 22.37 2.49 -8.08
C SER A 58 21.53 2.46 -6.85
N THR A 59 20.22 2.29 -7.07
CA THR A 59 19.30 2.11 -5.98
C THR A 59 18.41 0.93 -6.27
N ILE A 60 18.07 0.21 -5.21
CA ILE A 60 17.18 -0.93 -5.28
C ILE A 60 16.06 -0.68 -4.25
N GLN A 61 14.82 -0.58 -4.75
CA GLN A 61 13.66 -0.37 -3.92
C GLN A 61 12.82 -1.62 -3.96
N CYS A 62 12.47 -2.11 -2.78
CA CYS A 62 11.61 -3.31 -2.67
C CYS A 62 10.14 -2.86 -2.73
N LEU A 63 9.46 -3.21 -3.81
CA LEU A 63 8.07 -2.75 -4.09
C LEU A 63 7.04 -3.61 -3.37
N GLU A 64 7.38 -4.87 -3.13
CA GLU A 64 6.50 -5.82 -2.44
C GLU A 64 7.32 -7.05 -2.08
N GLY A 65 6.84 -7.81 -1.11
CA GLY A 65 7.54 -9.01 -0.71
C GLY A 65 8.79 -8.74 0.11
N GLU A 66 9.70 -9.71 0.08
CA GLU A 66 10.93 -9.63 0.84
CA GLU A 66 10.94 -9.67 0.86
C GLU A 66 12.10 -10.20 0.04
N VAL A 67 13.23 -9.49 0.11
CA VAL A 67 14.43 -9.83 -0.63
C VAL A 67 15.63 -9.60 0.27
N GLU A 68 16.62 -10.47 0.18
CA GLU A 68 17.85 -10.29 0.94
C GLU A 68 18.88 -9.87 -0.08
N ILE A 69 19.54 -8.74 0.18
CA ILE A 69 20.58 -8.21 -0.70
C ILE A 69 21.86 -8.25 0.10
N GLY A 70 22.82 -9.06 -0.35
CA GLY A 70 24.14 -9.15 0.28
C GLY A 70 25.00 -8.00 -0.22
N VAL A 71 25.69 -7.32 0.71
CA VAL A 71 26.59 -6.20 0.39
C VAL A 71 27.88 -6.38 1.19
N ASP A 72 28.92 -5.64 0.85
CA ASP A 72 30.21 -5.74 1.56
C ASP A 72 29.95 -5.44 3.04
N GLY A 73 30.15 -6.45 3.89
CA GLY A 73 29.96 -6.31 5.32
C GLY A 73 28.58 -6.51 5.90
N ALA A 74 27.58 -6.83 5.07
CA ALA A 74 26.21 -7.06 5.58
C ALA A 74 25.27 -7.79 4.61
N GLN A 75 24.20 -8.35 5.17
CA GLN A 75 23.12 -9.01 4.44
C GLN A 75 21.88 -8.19 4.81
N ARG A 76 21.40 -7.37 3.88
CA ARG A 76 20.26 -6.51 4.14
C ARG A 76 18.98 -7.20 3.77
N ARG A 77 18.04 -7.30 4.71
CA ARG A 77 16.75 -7.90 4.47
C ARG A 77 15.82 -6.73 4.20
N LEU A 78 15.40 -6.57 2.94
CA LEU A 78 14.51 -5.47 2.57
C LEU A 78 13.06 -5.93 2.59
N HIS A 79 12.20 -5.07 3.10
CA HIS A 79 10.75 -5.28 3.09
C HIS A 79 10.16 -4.20 2.18
N GLN A 80 8.84 -4.25 1.93
CA GLN A 80 8.20 -3.28 1.06
C GLN A 80 8.52 -1.86 1.53
N GLY A 81 8.86 -1.00 0.58
CA GLY A 81 9.22 0.38 0.90
C GLY A 81 10.69 0.62 1.24
N ASP A 82 11.49 -0.44 1.37
CA ASP A 82 12.91 -0.26 1.69
C ASP A 82 13.67 0.12 0.43
N LEU A 83 14.53 1.11 0.59
CA LEU A 83 15.34 1.63 -0.50
CA LEU A 83 15.33 1.65 -0.49
C LEU A 83 16.80 1.47 -0.12
N LEU A 84 17.53 0.69 -0.91
CA LEU A 84 18.96 0.42 -0.71
C LEU A 84 19.78 1.25 -1.68
N TYR A 85 20.79 1.93 -1.15
CA TYR A 85 21.76 2.70 -1.96
C TYR A 85 23.00 1.86 -2.14
N LEU A 86 23.43 1.72 -3.39
CA LEU A 86 24.68 1.02 -3.74
C LEU A 86 25.63 2.00 -4.46
N GLY A 87 26.82 2.14 -3.90
CA GLY A 87 27.83 2.99 -4.45
C GLY A 87 28.31 2.39 -5.76
N ALA A 88 28.97 3.23 -6.54
CA ALA A 88 29.56 2.80 -7.83
C ALA A 88 30.50 1.63 -7.58
N GLY A 89 30.33 0.55 -8.32
CA GLY A 89 31.17 -0.63 -8.16
C GLY A 89 30.95 -1.44 -6.88
N ALA A 90 29.88 -1.18 -6.12
CA ALA A 90 29.57 -1.91 -4.87
C ALA A 90 29.05 -3.30 -5.21
N ALA A 91 29.80 -4.33 -4.79
CA ALA A 91 29.44 -5.73 -5.08
C ALA A 91 28.21 -6.09 -4.27
N HIS A 92 27.30 -6.79 -4.93
CA HIS A 92 26.09 -7.24 -4.27
C HIS A 92 25.45 -8.44 -4.92
N ASP A 93 24.71 -9.21 -4.10
CA ASP A 93 23.93 -10.37 -4.54
C ASP A 93 22.46 -10.23 -4.08
N VAL A 94 21.56 -10.98 -4.71
CA VAL A 94 20.10 -10.85 -4.47
C VAL A 94 19.52 -12.24 -4.25
N ASN A 95 18.70 -12.39 -3.20
CA ASN A 95 18.01 -13.64 -2.84
C ASN A 95 16.56 -13.29 -2.50
N ALA A 96 15.64 -13.65 -3.40
CA ALA A 96 14.22 -13.42 -3.17
C ALA A 96 13.72 -14.34 -2.05
N ILE A 97 13.23 -13.75 -0.95
CA ILE A 97 12.72 -14.52 0.20
C ILE A 97 11.29 -14.98 -0.13
N THR A 98 10.48 -14.03 -0.58
CA THR A 98 9.12 -14.27 -1.09
C THR A 98 9.15 -13.86 -2.54
N ASN A 99 8.01 -14.04 -3.21
CA ASN A 99 7.81 -13.45 -4.53
C ASN A 99 7.96 -11.95 -4.30
N THR A 100 8.70 -11.26 -5.16
CA THR A 100 9.02 -9.86 -4.93
C THR A 100 9.27 -9.15 -6.23
N SER A 101 9.05 -7.83 -6.22
CA SER A 101 9.42 -7.00 -7.37
C SER A 101 10.24 -5.84 -6.82
N LEU A 102 11.24 -5.43 -7.60
CA LEU A 102 12.20 -4.45 -7.21
C LEU A 102 12.28 -3.38 -8.28
N LEU A 103 12.39 -2.12 -7.86
CA LEU A 103 12.60 -1.02 -8.80
C LEU A 103 14.08 -0.79 -8.69
N VAL A 104 14.79 -0.96 -9.80
CA VAL A 104 16.24 -0.83 -9.86
C VAL A 104 16.58 0.35 -10.79
N THR A 105 17.27 1.36 -10.25
CA THR A 105 17.65 2.57 -10.98
C THR A 105 19.19 2.57 -11.01
N VAL A 106 19.78 2.64 -12.20
CA VAL A 106 21.21 2.54 -12.39
C VAL A 106 21.75 3.73 -13.14
N VAL A 107 22.71 4.42 -12.54
CA VAL A 107 23.38 5.53 -13.21
C VAL A 107 24.40 4.88 -14.17
N LEU A 108 24.40 5.30 -15.43
CA LEU A 108 25.27 4.76 -16.47
C LEU A 108 26.43 5.72 -16.70
N VAL A 109 27.66 5.21 -16.63
CA VAL A 109 28.88 6.03 -16.79
C VAL A 109 29.58 5.73 -18.12
N PRO B 5 22.64 12.26 8.75
CA PRO B 5 21.52 11.35 8.47
C PRO B 5 21.35 11.10 6.95
N HIS B 6 22.38 10.52 6.35
CA HIS B 6 22.46 10.15 4.92
C HIS B 6 22.91 8.71 4.82
N LEU B 7 22.42 7.98 3.82
CA LEU B 7 22.87 6.61 3.59
C LEU B 7 24.26 6.59 2.92
N SER B 8 25.09 5.62 3.31
CA SER B 8 26.37 5.34 2.66
CA SER B 8 26.37 5.33 2.67
C SER B 8 26.09 4.05 1.88
N SER B 9 27.04 3.60 1.06
CA SER B 9 26.80 2.40 0.22
C SER B 9 26.42 1.19 1.09
N GLY B 10 25.39 0.47 0.66
CA GLY B 10 24.89 -0.70 1.39
C GLY B 10 23.84 -0.41 2.45
N GLU B 11 23.51 0.86 2.67
CA GLU B 11 22.52 1.25 3.69
C GLU B 11 21.13 1.43 3.13
N VAL B 12 20.16 1.35 4.03
CA VAL B 12 18.76 1.31 3.68
C VAL B 12 17.92 2.38 4.39
N ALA B 13 16.97 2.93 3.66
CA ALA B 13 15.98 3.89 4.13
C ALA B 13 14.59 3.37 3.76
N SER B 14 13.60 3.63 4.61
CA SER B 14 12.21 3.27 4.26
C SER B 14 11.51 4.47 3.63
N VAL B 15 10.94 4.28 2.44
CA VAL B 15 10.09 5.27 1.71
C VAL B 15 8.62 4.80 1.71
N LEU B 16 8.20 4.06 2.76
CA LEU B 16 6.78 3.70 2.88
C LEU B 16 5.99 5.00 3.00
N PRO B 17 4.70 4.96 2.62
CA PRO B 17 3.86 6.14 2.82
C PRO B 17 3.88 6.61 4.29
N LEU B 18 3.95 7.92 4.49
CA LEU B 18 3.92 8.53 5.84
C LEU B 18 2.55 8.53 6.50
N GLY B 19 1.49 8.62 5.70
CA GLY B 19 0.12 8.62 6.22
C GLY B 19 -0.08 9.74 7.22
N LYS B 20 -0.55 9.40 8.43
CA LYS B 20 -0.81 10.43 9.45
C LYS B 20 0.43 11.23 9.91
N GLN B 21 1.62 10.68 9.70
CA GLN B 21 2.88 11.38 10.04
C GLN B 21 3.34 12.34 8.95
N LEU B 22 2.65 12.39 7.79
CA LEU B 22 3.10 13.24 6.68
C LEU B 22 3.25 14.70 7.09
N THR B 23 2.25 15.19 7.85
CA THR B 23 2.23 16.58 8.29
C THR B 23 3.32 16.96 9.30
N GLN B 24 3.96 15.99 9.94
CA GLN B 24 5.07 16.27 10.86
C GLN B 24 6.46 16.01 10.26
N THR B 25 6.51 15.52 9.02
CA THR B 25 7.75 15.09 8.36
C THR B 25 8.25 16.07 7.31
N PRO B 26 9.45 16.67 7.52
CA PRO B 26 9.96 17.54 6.50
C PRO B 26 10.58 16.71 5.34
N SER B 27 10.72 17.38 4.21
CA SER B 27 11.43 16.81 3.09
C SER B 27 12.86 16.54 3.56
N ALA B 28 13.48 15.49 3.02
CA ALA B 28 14.87 15.16 3.40
C ALA B 28 15.60 14.40 2.31
N ALA B 29 16.90 14.60 2.23
CA ALA B 29 17.73 13.82 1.31
C ALA B 29 18.01 12.44 1.92
N LEU B 30 17.84 11.36 1.14
CA LEU B 30 18.23 9.99 1.55
CA LEU B 30 18.21 10.00 1.57
C LEU B 30 19.74 9.95 1.45
N PHE B 31 20.27 10.48 0.35
CA PHE B 31 21.72 10.61 0.14
C PHE B 31 22.01 11.51 -1.02
N LYS B 32 23.21 12.08 -1.00
CA LYS B 32 23.70 12.91 -2.09
CA LYS B 32 23.71 12.93 -2.08
C LYS B 32 25.15 12.52 -2.31
N GLU B 33 25.46 12.11 -3.53
CA GLU B 33 26.81 11.74 -3.88
C GLU B 33 27.09 12.46 -5.20
N HIS B 34 28.31 12.30 -5.66
CA HIS B 34 28.82 12.96 -6.84
C HIS B 34 27.96 12.83 -8.11
N ARG B 35 27.39 11.64 -8.33
CA ARG B 35 26.61 11.36 -9.55
C ARG B 35 25.11 11.20 -9.35
N LEU B 36 24.63 11.31 -8.11
CA LEU B 36 23.26 10.98 -7.79
C LEU B 36 22.80 11.57 -6.47
N GLU B 37 21.56 12.07 -6.47
CA GLU B 37 20.92 12.51 -5.23
CA GLU B 37 20.91 12.57 -5.27
C GLU B 37 19.52 11.91 -5.17
N VAL B 38 19.18 11.40 -4.00
CA VAL B 38 17.86 10.79 -3.79
C VAL B 38 17.25 11.49 -2.57
N ARG B 40 13.35 12.56 -0.42
CA ARG B 40 11.95 12.39 -0.23
C ARG B 40 11.41 13.80 -0.02
N VAL B 42 8.25 16.10 0.74
CA VAL B 42 6.97 16.02 1.42
C VAL B 42 6.29 17.32 1.07
N LEU B 43 5.14 17.25 0.40
CA LEU B 43 4.42 18.45 -0.01
C LEU B 43 3.01 18.46 0.59
N PRO B 44 2.68 19.52 1.35
CA PRO B 44 1.33 19.59 1.85
C PRO B 44 0.40 19.93 0.65
N ALA B 45 -0.85 19.50 0.76
CA ALA B 45 -1.89 19.80 -0.22
C ALA B 45 -1.82 21.29 -0.66
N GLY B 46 -1.83 21.53 -1.97
CA GLY B 46 -1.79 22.87 -2.54
C GLY B 46 -0.42 23.44 -2.85
N LYS B 47 0.64 22.88 -2.24
CA LYS B 47 1.99 23.37 -2.43
C LYS B 47 2.36 23.30 -3.90
N GLN B 48 2.89 24.40 -4.41
CA GLN B 48 3.35 24.52 -5.80
C GLN B 48 4.85 24.76 -5.92
N VAL B 49 5.48 24.18 -6.94
CA VAL B 49 6.91 24.47 -7.30
C VAL B 49 6.85 24.94 -8.75
N GLY B 50 7.40 26.12 -9.01
CA GLY B 50 7.39 26.69 -10.36
C GLY B 50 8.17 25.89 -11.38
N SER B 51 8.01 26.25 -12.64
CA SER B 51 8.66 25.61 -13.75
C SER B 51 10.17 25.69 -13.58
N HIS B 52 10.82 24.54 -13.65
CA HIS B 52 12.28 24.49 -13.53
C HIS B 52 12.77 23.17 -14.11
N SER B 53 14.09 23.03 -14.20
CA SER B 53 14.71 21.81 -14.67
CA SER B 53 14.73 21.84 -14.72
C SER B 53 16.07 21.59 -14.02
N VAL B 54 16.58 20.38 -14.19
CA VAL B 54 17.89 19.96 -13.72
C VAL B 54 18.66 19.42 -14.95
N ALA B 55 19.97 19.51 -14.88
CA ALA B 55 20.83 19.17 -16.01
C ALA B 55 20.84 17.68 -16.31
N GLY B 56 20.64 16.81 -15.33
CA GLY B 56 20.62 15.38 -15.61
C GLY B 56 19.21 14.83 -15.66
N PRO B 57 19.10 13.53 -16.07
CA PRO B 57 17.79 12.94 -16.07
C PRO B 57 17.35 12.68 -14.64
N SER B 58 16.05 12.51 -14.46
CA SER B 58 15.51 12.27 -13.12
C SER B 58 14.24 11.48 -13.15
N THR B 59 13.87 10.95 -11.98
CA THR B 59 12.59 10.25 -11.80
C THR B 59 11.90 10.80 -10.57
N ILE B 60 10.59 10.93 -10.69
CA ILE B 60 9.71 11.29 -9.58
C ILE B 60 8.69 10.17 -9.37
N GLN B 61 8.71 9.59 -8.17
CA GLN B 61 7.79 8.53 -7.77
C GLN B 61 6.83 9.06 -6.73
N CYS B 62 5.54 8.95 -7.01
CA CYS B 62 4.50 9.37 -6.10
C CYS B 62 4.31 8.24 -5.09
N LEU B 63 4.72 8.47 -3.83
CA LEU B 63 4.65 7.41 -2.79
C LEU B 63 3.26 7.30 -2.17
N GLU B 64 2.55 8.43 -2.15
CA GLU B 64 1.20 8.50 -1.60
C GLU B 64 0.56 9.81 -2.03
N GLY B 65 -0.76 9.89 -1.94
CA GLY B 65 -1.49 11.09 -2.28
C GLY B 65 -1.58 11.27 -3.79
N GLU B 66 -1.77 12.52 -4.19
CA GLU B 66 -1.93 12.88 -5.61
CA GLU B 66 -1.92 12.88 -5.61
C GLU B 66 -1.19 14.18 -5.89
N VAL B 67 -0.44 14.21 -6.99
CA VAL B 67 0.35 15.36 -7.39
C VAL B 67 0.21 15.55 -8.90
N GLU B 68 0.12 16.80 -9.33
CA GLU B 68 0.10 17.10 -10.76
C GLU B 68 1.51 17.60 -11.10
N ILE B 69 2.12 17.01 -12.13
CA ILE B 69 3.42 17.44 -12.61
C ILE B 69 3.22 17.91 -14.05
N GLY B 70 3.39 19.21 -14.29
CA GLY B 70 3.27 19.76 -15.63
C GLY B 70 4.58 19.49 -16.34
N VAL B 71 4.51 19.03 -17.60
CA VAL B 71 5.67 18.74 -18.45
C VAL B 71 5.35 19.32 -19.85
N ASP B 72 6.37 19.37 -20.71
CA ASP B 72 6.20 19.88 -22.09
C ASP B 72 5.08 19.08 -22.76
N GLY B 73 3.97 19.76 -23.06
CA GLY B 73 2.81 19.16 -23.74
C GLY B 73 1.79 18.39 -22.92
N ALA B 74 1.94 18.33 -21.59
CA ALA B 74 0.99 17.62 -20.73
C ALA B 74 0.99 18.02 -19.26
N GLN B 75 -0.08 17.62 -18.57
CA GLN B 75 -0.23 17.79 -17.14
C GLN B 75 -0.45 16.35 -16.67
N ARG B 76 0.52 15.78 -16.00
CA ARG B 76 0.45 14.39 -15.54
C ARG B 76 -0.07 14.40 -14.13
N ARG B 77 -1.17 13.68 -13.90
CA ARG B 77 -1.73 13.51 -12.58
C ARG B 77 -1.16 12.19 -12.09
N LEU B 78 -0.27 12.25 -11.12
CA LEU B 78 0.33 11.07 -10.55
C LEU B 78 -0.45 10.67 -9.31
N HIS B 79 -0.68 9.37 -9.19
CA HIS B 79 -1.25 8.73 -8.02
C HIS B 79 -0.20 7.79 -7.42
N GLN B 80 -0.55 7.17 -6.29
CA GLN B 80 0.36 6.26 -5.61
C GLN B 80 0.89 5.21 -6.57
N GLY B 81 2.21 5.03 -6.55
CA GLY B 81 2.94 4.08 -7.37
C GLY B 81 3.36 4.60 -8.75
N ASP B 82 2.93 5.78 -9.14
CA ASP B 82 3.31 6.32 -10.44
C ASP B 82 4.73 6.81 -10.41
N LEU B 83 5.47 6.43 -11.46
CA LEU B 83 6.85 6.84 -11.65
CA LEU B 83 6.87 6.80 -11.66
C LEU B 83 6.94 7.63 -12.95
N LEU B 84 7.36 8.89 -12.85
CA LEU B 84 7.50 9.79 -13.97
C LEU B 84 8.97 9.89 -14.35
N TYR B 85 9.25 9.80 -15.64
CA TYR B 85 10.63 9.98 -16.15
C TYR B 85 10.76 11.36 -16.77
N LEU B 86 11.81 12.09 -16.36
CA LEU B 86 12.12 13.42 -16.88
C LEU B 86 13.51 13.38 -17.48
N GLY B 87 13.60 13.60 -18.79
CA GLY B 87 14.89 13.65 -19.45
C GLY B 87 15.69 14.85 -18.94
N ALA B 88 16.99 14.82 -19.23
CA ALA B 88 17.91 15.91 -18.85
C ALA B 88 17.38 17.24 -19.35
N GLY B 89 17.25 18.20 -18.45
CA GLY B 89 16.77 19.53 -18.81
C GLY B 89 15.28 19.67 -19.08
N ALA B 90 14.49 18.61 -18.84
CA ALA B 90 13.03 18.66 -19.07
C ALA B 90 12.37 19.53 -18.01
N ALA B 91 11.81 20.64 -18.46
CA ALA B 91 11.12 21.56 -17.57
C ALA B 91 9.88 20.92 -17.01
N HIS B 92 9.63 21.22 -15.76
CA HIS B 92 8.46 20.70 -15.06
C HIS B 92 8.07 21.57 -13.87
N ASP B 93 6.79 21.52 -13.52
CA ASP B 93 6.26 22.20 -12.34
C ASP B 93 5.53 21.14 -11.51
N VAL B 94 5.26 21.47 -10.26
CA VAL B 94 4.65 20.55 -9.30
C VAL B 94 3.48 21.24 -8.63
N ASN B 95 2.33 20.55 -8.53
CA ASN B 95 1.16 21.03 -7.77
C ASN B 95 0.61 19.86 -6.95
N ALA B 96 0.81 19.92 -5.64
CA ALA B 96 0.29 18.89 -4.73
C ALA B 96 -1.23 19.01 -4.65
N ILE B 97 -1.95 17.99 -5.07
CA ILE B 97 -3.43 17.99 -5.02
C ILE B 97 -3.89 17.67 -3.60
N THR B 98 -3.28 16.65 -3.01
CA THR B 98 -3.46 16.27 -1.59
C THR B 98 -2.09 16.36 -0.93
N ASN B 99 -2.04 16.10 0.39
CA ASN B 99 -0.77 15.89 1.05
C ASN B 99 -0.12 14.72 0.28
N THR B 100 1.13 14.88 -0.08
CA THR B 100 1.83 13.85 -0.85
C THR B 100 3.30 13.80 -0.49
N SER B 101 3.90 12.63 -0.74
CA SER B 101 5.33 12.45 -0.57
C SER B 101 5.85 11.85 -1.86
N LEU B 102 7.01 12.34 -2.31
CA LEU B 102 7.58 11.92 -3.58
C LEU B 102 8.98 11.43 -3.38
N LEU B 103 9.39 10.36 -4.07
CA LEU B 103 10.80 9.94 -4.07
C LEU B 103 11.35 10.50 -5.38
N VAL B 104 12.31 11.40 -5.25
CA VAL B 104 12.90 12.08 -6.39
C VAL B 104 14.35 11.67 -6.51
N THR B 105 14.70 11.07 -7.65
CA THR B 105 16.05 10.56 -7.94
C THR B 105 16.61 11.41 -9.05
N VAL B 106 17.76 12.06 -8.84
CA VAL B 106 18.35 12.99 -9.81
C VAL B 106 19.76 12.57 -10.13
N VAL B 107 20.02 12.33 -11.40
CA VAL B 107 21.34 11.99 -11.89
C VAL B 107 22.07 13.34 -12.01
N LEU B 108 23.29 13.41 -11.49
CA LEU B 108 24.07 14.65 -11.54
C LEU B 108 25.16 14.46 -12.57
N VAL B 109 25.31 15.46 -13.46
CA VAL B 109 26.31 15.44 -14.52
C VAL B 109 27.37 16.50 -14.21
N SER C 8 -22.37 -17.69 -2.85
CA SER C 8 -22.36 -16.88 -1.60
C SER C 8 -21.09 -17.13 -0.75
N SER C 9 -21.12 -18.14 0.14
CA SER C 9 -20.01 -18.45 1.06
C SER C 9 -18.78 -18.92 0.31
N GLY C 10 -17.61 -18.49 0.77
CA GLY C 10 -16.34 -18.81 0.15
C GLY C 10 -15.90 -17.86 -0.97
N GLU C 11 -16.74 -16.89 -1.35
CA GLU C 11 -16.41 -15.92 -2.42
C GLU C 11 -15.52 -14.78 -1.92
N VAL C 12 -14.73 -14.25 -2.85
CA VAL C 12 -13.70 -13.25 -2.59
C VAL C 12 -13.91 -11.98 -3.40
N ALA C 13 -13.74 -10.83 -2.76
CA ALA C 13 -13.79 -9.52 -3.38
C ALA C 13 -12.48 -8.85 -3.07
N SER C 14 -12.02 -7.95 -3.93
CA SER C 14 -10.80 -7.18 -3.66
C SER C 14 -11.18 -5.81 -3.09
N VAL C 15 -10.61 -5.45 -1.95
CA VAL C 15 -10.82 -4.11 -1.34
C VAL C 15 -9.51 -3.30 -1.39
N LEU C 16 -8.69 -3.56 -2.42
CA LEU C 16 -7.47 -2.75 -2.64
C LEU C 16 -7.87 -1.31 -3.02
N PRO C 17 -7.00 -0.34 -2.78
CA PRO C 17 -7.34 1.04 -3.17
C PRO C 17 -7.71 1.17 -4.66
N LEU C 18 -8.66 2.08 -4.96
CA LEU C 18 -9.08 2.36 -6.34
C LEU C 18 -8.07 3.24 -7.08
N GLY C 19 -7.36 4.09 -6.33
CA GLY C 19 -6.36 4.98 -6.94
C GLY C 19 -6.97 5.92 -7.95
N LYS C 20 -6.40 5.97 -9.16
CA LYS C 20 -6.89 6.87 -10.22
C LYS C 20 -8.34 6.63 -10.65
N GLN C 21 -8.85 5.41 -10.44
CA GLN C 21 -10.24 5.04 -10.78
C GLN C 21 -11.31 5.42 -9.77
N LEU C 22 -10.90 5.85 -8.57
CA LEU C 22 -11.83 6.19 -7.49
C LEU C 22 -13.03 7.04 -7.95
N THR C 23 -12.77 8.15 -8.63
CA THR C 23 -13.87 9.07 -9.06
C THR C 23 -14.82 8.55 -10.15
N GLN C 24 -14.48 7.43 -10.78
CA GLN C 24 -15.33 6.79 -11.81
C GLN C 24 -15.92 5.47 -11.33
N THR C 25 -15.77 5.16 -10.03
CA THR C 25 -16.26 3.92 -9.42
C THR C 25 -17.43 4.26 -8.51
N PRO C 26 -18.61 3.64 -8.75
CA PRO C 26 -19.73 3.88 -7.84
C PRO C 26 -19.56 3.10 -6.53
N SER C 27 -20.23 3.56 -5.48
CA SER C 27 -20.30 2.80 -4.23
C SER C 27 -21.05 1.52 -4.59
N ALA C 28 -20.67 0.40 -3.99
CA ALA C 28 -21.26 -0.91 -4.32
C ALA C 28 -21.35 -1.85 -3.14
N ALA C 29 -22.33 -2.75 -3.21
CA ALA C 29 -22.49 -3.80 -2.21
C ALA C 29 -21.57 -4.94 -2.64
N LEU C 30 -20.84 -5.50 -1.68
CA LEU C 30 -19.91 -6.62 -1.93
C LEU C 30 -20.57 -7.95 -1.56
N PHE C 31 -21.02 -8.04 -0.31
CA PHE C 31 -21.72 -9.21 0.24
C PHE C 31 -23.01 -8.70 0.86
N LYS C 32 -24.06 -9.50 0.73
CA LYS C 32 -25.38 -9.20 1.29
C LYS C 32 -25.94 -10.54 1.77
N GLU C 33 -26.33 -10.56 3.04
CA GLU C 33 -26.77 -11.76 3.74
C GLU C 33 -27.81 -11.35 4.79
N HIS C 34 -28.48 -12.33 5.40
CA HIS C 34 -29.52 -12.11 6.42
C HIS C 34 -29.06 -11.30 7.63
N ARG C 35 -27.82 -11.54 8.08
CA ARG C 35 -27.27 -10.89 9.29
C ARG C 35 -26.02 -10.02 9.06
N LEU C 36 -25.64 -9.80 7.81
CA LEU C 36 -24.41 -9.07 7.50
C LEU C 36 -24.49 -8.45 6.11
N GLU C 37 -24.07 -7.21 6.01
CA GLU C 37 -23.93 -6.53 4.72
C GLU C 37 -22.54 -5.89 4.70
N VAL C 38 -21.85 -6.03 3.58
CA VAL C 38 -20.51 -5.45 3.37
C VAL C 38 -20.57 -4.65 2.10
N ARG C 40 -18.68 -1.08 -0.23
CA ARG C 40 -17.59 -0.19 -0.47
C ARG C 40 -18.20 1.17 -0.83
N VAL C 42 -17.67 4.92 -1.90
CA VAL C 42 -16.68 5.72 -2.65
C VAL C 42 -17.12 7.18 -2.53
N LEU C 43 -16.24 8.01 -1.98
CA LEU C 43 -16.53 9.44 -1.77
C LEU C 43 -15.46 10.35 -2.36
N PRO C 44 -15.83 11.15 -3.39
CA PRO C 44 -14.90 12.14 -3.91
C PRO C 44 -14.64 13.22 -2.85
N ALA C 45 -13.50 13.90 -2.98
CA ALA C 45 -13.06 14.95 -2.06
C ALA C 45 -14.16 16.02 -1.90
N GLY C 46 -14.45 16.37 -0.66
CA GLY C 46 -15.46 17.36 -0.36
C GLY C 46 -16.86 16.82 -0.18
N LYS C 47 -17.11 15.53 -0.50
CA LYS C 47 -18.45 14.93 -0.32
C LYS C 47 -18.79 14.85 1.16
N GLN C 48 -20.00 15.28 1.50
CA GLN C 48 -20.53 15.35 2.84
C GLN C 48 -21.74 14.43 2.95
N VAL C 49 -21.81 13.63 4.01
CA VAL C 49 -22.98 12.77 4.28
C VAL C 49 -23.47 13.23 5.64
N GLY C 50 -24.76 13.62 5.71
CA GLY C 50 -25.37 14.11 6.94
C GLY C 50 -25.51 13.04 8.01
N SER C 51 -25.76 13.49 9.25
CA SER C 51 -25.88 12.60 10.41
C SER C 51 -26.92 11.51 10.15
N HIS C 52 -26.52 10.27 10.40
CA HIS C 52 -27.39 9.11 10.20
C HIS C 52 -26.85 7.94 11.01
N SER C 53 -27.63 6.86 11.04
CA SER C 53 -27.25 5.66 11.73
C SER C 53 -27.85 4.41 11.09
N VAL C 54 -27.21 3.27 11.37
CA VAL C 54 -27.71 1.96 10.95
C VAL C 54 -28.11 1.25 12.26
N ALA C 55 -29.14 0.42 12.18
CA ALA C 55 -29.74 -0.25 13.36
C ALA C 55 -28.79 -1.14 14.17
N GLY C 56 -27.90 -1.85 13.50
CA GLY C 56 -26.94 -2.71 14.17
C GLY C 56 -25.57 -2.05 14.19
N PRO C 57 -24.61 -2.69 14.91
CA PRO C 57 -23.26 -2.17 14.91
C PRO C 57 -22.60 -2.28 13.57
N SER C 58 -21.55 -1.49 13.39
CA SER C 58 -20.83 -1.48 12.14
C SER C 58 -19.37 -1.10 12.31
N THR C 59 -18.60 -1.34 11.27
CA THR C 59 -17.19 -0.89 11.22
C THR C 59 -16.98 -0.19 9.91
N ILE C 60 -16.11 0.82 9.93
CA ILE C 60 -15.79 1.59 8.74
C ILE C 60 -14.28 1.56 8.65
N GLN C 61 -13.77 1.01 7.55
CA GLN C 61 -12.34 0.90 7.32
C GLN C 61 -11.97 1.87 6.20
N CYS C 62 -10.99 2.73 6.43
CA CYS C 62 -10.57 3.67 5.41
C CYS C 62 -9.54 2.93 4.57
N LEU C 63 -9.90 2.61 3.32
CA LEU C 63 -9.06 1.86 2.38
C LEU C 63 -8.01 2.75 1.71
N GLU C 64 -8.34 4.03 1.58
CA GLU C 64 -7.44 5.03 0.94
C GLU C 64 -7.99 6.43 1.17
N GLY C 65 -7.12 7.42 1.07
CA GLY C 65 -7.55 8.81 1.26
C GLY C 65 -7.72 9.15 2.73
N GLU C 66 -8.43 10.25 2.93
CA GLU C 66 -8.68 10.77 4.28
C GLU C 66 -10.14 11.18 4.37
N VAL C 67 -10.75 10.81 5.49
CA VAL C 67 -12.14 11.12 5.77
C VAL C 67 -12.34 11.44 7.26
N GLU C 68 -13.31 12.32 7.56
CA GLU C 68 -13.68 12.58 8.93
CA GLU C 68 -13.74 12.63 8.93
C GLU C 68 -15.07 11.99 9.16
N ILE C 69 -15.21 11.23 10.26
CA ILE C 69 -16.47 10.61 10.67
C ILE C 69 -16.84 11.29 12.00
N GLY C 70 -17.94 12.03 12.01
CA GLY C 70 -18.36 12.73 13.23
C GLY C 70 -19.10 11.72 14.08
N VAL C 71 -18.62 11.49 15.30
CA VAL C 71 -19.31 10.61 16.26
C VAL C 71 -19.22 11.21 17.66
N ASP C 72 -20.36 11.25 18.37
CA ASP C 72 -20.46 11.77 19.75
C ASP C 72 -19.72 13.11 19.96
N GLY C 73 -20.12 14.11 19.18
CA GLY C 73 -19.54 15.44 19.27
C GLY C 73 -18.10 15.67 18.80
N ALA C 74 -17.43 14.63 18.28
CA ALA C 74 -16.03 14.73 17.84
C ALA C 74 -15.84 14.15 16.43
N GLN C 75 -15.03 14.85 15.64
CA GLN C 75 -14.69 14.44 14.29
C GLN C 75 -13.49 13.52 14.40
N ARG C 76 -13.67 12.29 13.92
CA ARG C 76 -12.63 11.26 13.95
C ARG C 76 -11.99 11.23 12.57
N ARG C 77 -10.73 11.66 12.48
CA ARG C 77 -9.98 11.71 11.24
C ARG C 77 -9.36 10.33 10.95
N LEU C 78 -9.80 9.68 9.87
CA LEU C 78 -9.27 8.39 9.49
C LEU C 78 -8.34 8.55 8.30
N HIS C 79 -7.23 7.82 8.37
CA HIS C 79 -6.26 7.72 7.31
C HIS C 79 -6.35 6.27 6.86
N GLN C 80 -5.68 5.98 5.75
CA GLN C 80 -5.64 4.62 5.22
C GLN C 80 -5.26 3.60 6.30
N GLY C 81 -6.01 2.50 6.35
CA GLY C 81 -5.79 1.43 7.32
C GLY C 81 -6.52 1.63 8.64
N ASP C 82 -7.11 2.82 8.88
CA ASP C 82 -7.84 3.05 10.14
C ASP C 82 -9.18 2.32 10.08
N LEU C 83 -9.57 1.70 11.19
CA LEU C 83 -10.80 0.93 11.31
C LEU C 83 -11.54 1.51 12.52
N LEU C 84 -12.71 2.08 12.24
CA LEU C 84 -13.56 2.73 13.25
C LEU C 84 -14.72 1.82 13.60
N TYR C 85 -15.01 1.70 14.89
CA TYR C 85 -16.16 0.92 15.37
C TYR C 85 -17.32 1.88 15.77
N LEU C 86 -18.53 1.53 15.34
CA LEU C 86 -19.76 2.24 15.65
C LEU C 86 -20.78 1.29 16.30
N GLY C 87 -21.26 1.64 17.47
CA GLY C 87 -22.29 0.87 18.16
C GLY C 87 -23.61 0.91 17.42
N ALA C 88 -24.53 0.05 17.84
CA ALA C 88 -25.86 -0.05 17.23
C ALA C 88 -26.54 1.29 17.28
N GLY C 89 -27.05 1.76 16.14
CA GLY C 89 -27.74 3.04 16.06
C GLY C 89 -26.91 4.29 16.37
N ALA C 90 -25.58 4.19 16.32
CA ALA C 90 -24.69 5.31 16.59
C ALA C 90 -24.79 6.31 15.46
N ALA C 91 -25.27 7.50 15.79
CA ALA C 91 -25.41 8.60 14.84
C ALA C 91 -24.01 9.03 14.40
N HIS C 92 -23.88 9.31 13.09
CA HIS C 92 -22.60 9.75 12.53
C HIS C 92 -22.77 10.44 11.17
N ASP C 93 -21.80 11.30 10.87
CA ASP C 93 -21.75 12.03 9.60
C ASP C 93 -20.40 11.72 8.95
N VAL C 94 -20.28 12.07 7.67
CA VAL C 94 -19.06 11.76 6.89
C VAL C 94 -18.64 13.01 6.14
N ASN C 95 -17.35 13.31 6.16
CA ASN C 95 -16.79 14.43 5.45
C ASN C 95 -15.51 13.93 4.80
N ALA C 96 -15.59 13.73 3.48
CA ALA C 96 -14.47 13.28 2.67
C ALA C 96 -13.48 14.46 2.53
N ILE C 97 -12.30 14.31 3.12
CA ILE C 97 -11.27 15.35 3.05
C ILE C 97 -10.55 15.22 1.72
N THR C 98 -10.25 13.99 1.33
CA THR C 98 -9.68 13.69 -0.01
C THR C 98 -10.55 12.63 -0.66
N ASN C 99 -10.27 12.32 -1.93
CA ASN C 99 -10.96 11.19 -2.59
C ASN C 99 -10.74 9.99 -1.68
N THR C 100 -11.81 9.31 -1.27
CA THR C 100 -11.70 8.22 -0.32
C THR C 100 -12.64 7.05 -0.62
N SER C 101 -12.22 5.84 -0.23
CA SER C 101 -13.07 4.65 -0.33
C SER C 101 -13.03 3.98 1.02
N LEU C 102 -14.21 3.53 1.46
CA LEU C 102 -14.44 2.95 2.77
C LEU C 102 -15.08 1.58 2.61
N LEU C 103 -14.59 0.60 3.37
CA LEU C 103 -15.20 -0.74 3.47
C LEU C 103 -16.08 -0.64 4.70
N VAL C 104 -17.39 -0.77 4.51
CA VAL C 104 -18.35 -0.66 5.59
C VAL C 104 -19.01 -2.02 5.81
N THR C 105 -18.87 -2.55 7.02
CA THR C 105 -19.45 -3.85 7.42
C THR C 105 -20.54 -3.54 8.43
N VAL C 106 -21.78 -3.96 8.13
CA VAL C 106 -22.95 -3.68 8.94
C VAL C 106 -23.60 -4.98 9.36
N VAL C 107 -23.85 -5.11 10.68
CA VAL C 107 -24.62 -6.23 11.22
C VAL C 107 -26.10 -5.86 11.00
N LEU C 108 -26.80 -6.70 10.23
CA LEU C 108 -28.21 -6.51 9.92
C LEU C 108 -29.09 -7.08 11.02
N VAL C 109 -30.11 -6.28 11.42
CA VAL C 109 -31.09 -6.63 12.46
C VAL C 109 -32.43 -6.15 11.89
N ASP C 110 -32.85 -6.86 10.84
CA ASP C 110 -34.04 -6.49 10.07
C ASP C 110 -35.33 -6.83 10.80
N ARG C 111 -36.38 -6.11 10.42
CA ARG C 111 -37.74 -6.23 10.96
C ARG C 111 -38.42 -7.60 10.63
N GLY C 112 -37.98 -8.23 9.53
CA GLY C 112 -38.46 -9.55 9.11
C GLY C 112 -37.38 -10.40 8.47
N GLY C 113 -37.78 -11.51 7.86
CA GLY C 113 -36.87 -12.45 7.21
C GLY C 113 -36.35 -13.53 8.16
N SER C 114 -35.43 -14.35 7.64
CA SER C 114 -34.80 -15.47 8.37
C SER C 114 -35.81 -16.57 8.70
N SER D 8 -14.99 0.62 22.16
CA SER D 8 -16.00 1.67 22.47
C SER D 8 -16.39 2.39 21.18
N SER D 9 -17.66 2.82 21.05
CA SER D 9 -18.14 3.51 19.84
C SER D 9 -17.30 4.75 19.55
N GLY D 10 -16.82 4.87 18.31
CA GLY D 10 -15.91 5.96 17.93
C GLY D 10 -14.42 5.60 18.03
N GLU D 11 -14.06 4.48 18.69
CA GLU D 11 -12.65 4.03 18.80
C GLU D 11 -12.12 3.60 17.44
N VAL D 12 -10.82 3.86 17.21
CA VAL D 12 -10.13 3.57 15.95
C VAL D 12 -8.89 2.71 16.19
N ALA D 13 -8.73 1.68 15.36
CA ALA D 13 -7.58 0.77 15.35
C ALA D 13 -6.93 0.86 13.95
N SER D 14 -5.62 0.66 13.86
CA SER D 14 -4.94 0.66 12.56
C SER D 14 -4.71 -0.79 12.15
N VAL D 15 -5.16 -1.13 10.94
CA VAL D 15 -4.98 -2.45 10.33
C VAL D 15 -4.06 -2.33 9.10
N LEU D 16 -3.15 -1.36 9.13
CA LEU D 16 -2.15 -1.22 8.07
C LEU D 16 -1.24 -2.47 8.09
N PRO D 17 -0.64 -2.84 6.94
CA PRO D 17 0.33 -3.95 6.96
C PRO D 17 1.40 -3.78 8.05
N LEU D 18 1.73 -4.86 8.77
CA LEU D 18 2.78 -4.83 9.81
C LEU D 18 4.20 -4.81 9.25
N GLY D 19 4.38 -5.41 8.07
CA GLY D 19 5.67 -5.46 7.40
C GLY D 19 6.76 -6.09 8.24
N LYS D 20 7.83 -5.33 8.47
CA LYS D 20 8.97 -5.78 9.29
CA LYS D 20 8.97 -5.75 9.29
C LYS D 20 8.54 -6.25 10.67
N GLN D 21 7.60 -5.54 11.28
CA GLN D 21 7.13 -5.86 12.65
C GLN D 21 6.16 -7.05 12.77
N LEU D 22 5.78 -7.69 11.67
CA LEU D 22 4.76 -8.74 11.69
C LEU D 22 5.11 -9.89 12.64
N THR D 23 6.32 -10.42 12.53
CA THR D 23 6.76 -11.56 13.34
C THR D 23 6.89 -11.29 14.83
N GLN D 24 6.97 -10.02 15.23
CA GLN D 24 7.01 -9.59 16.63
C GLN D 24 5.65 -9.17 17.16
N THR D 25 4.60 -9.19 16.32
CA THR D 25 3.26 -8.73 16.67
C THR D 25 2.32 -9.91 16.92
N PRO D 26 1.80 -10.07 18.15
CA PRO D 26 0.86 -11.19 18.35
C PRO D 26 -0.55 -10.89 17.80
N SER D 27 -1.34 -11.94 17.64
CA SER D 27 -2.75 -11.80 17.22
C SER D 27 -3.47 -11.08 18.35
N ALA D 28 -4.47 -10.28 18.02
CA ALA D 28 -5.19 -9.48 19.04
C ALA D 28 -6.63 -9.16 18.66
N ALA D 29 -7.47 -9.00 19.69
CA ALA D 29 -8.84 -8.56 19.51
C ALA D 29 -8.75 -7.05 19.33
N LEU D 30 -9.53 -6.51 18.41
CA LEU D 30 -9.59 -5.08 18.16
C LEU D 30 -10.86 -4.54 18.82
N PHE D 31 -12.00 -5.12 18.47
CA PHE D 31 -13.30 -4.74 19.02
C PHE D 31 -14.03 -6.00 19.45
N LYS D 32 -14.71 -5.92 20.59
CA LYS D 32 -15.53 -7.02 21.12
C LYS D 32 -16.84 -6.41 21.63
N GLU D 33 -17.96 -6.92 21.13
CA GLU D 33 -19.29 -6.41 21.45
C GLU D 33 -20.32 -7.54 21.40
N HIS D 34 -21.53 -7.33 21.94
CA HIS D 34 -22.62 -8.32 21.94
C HIS D 34 -22.96 -8.99 20.59
N ARG D 35 -22.86 -8.25 19.49
CA ARG D 35 -23.16 -8.78 18.14
C ARG D 35 -21.98 -8.82 17.19
N LEU D 36 -20.80 -8.45 17.65
CA LEU D 36 -19.65 -8.31 16.75
C LEU D 36 -18.32 -8.46 17.46
N GLU D 37 -17.41 -9.19 16.83
CA GLU D 37 -16.04 -9.32 17.31
C GLU D 37 -15.13 -9.13 16.09
N VAL D 38 -14.14 -8.25 16.23
CA VAL D 38 -13.18 -7.96 15.17
C VAL D 38 -11.81 -8.23 15.76
N ARG D 40 -7.38 -9.17 14.68
CA ARG D 40 -6.29 -9.30 13.73
C ARG D 40 -5.54 -10.57 14.11
N VAL D 42 -2.28 -12.79 13.30
CA VAL D 42 -0.94 -12.67 12.73
C VAL D 42 -0.40 -14.08 12.58
N LEU D 43 -0.06 -14.47 11.35
CA LEU D 43 0.45 -15.83 11.06
C LEU D 43 1.79 -15.80 10.33
N PRO D 44 2.85 -16.37 10.93
CA PRO D 44 4.11 -16.45 10.18
C PRO D 44 3.99 -17.52 9.07
N ALA D 45 4.91 -17.44 8.12
CA ALA D 45 4.95 -18.39 6.99
C ALA D 45 4.96 -19.82 7.49
N GLY D 46 4.05 -20.64 6.96
CA GLY D 46 3.96 -22.04 7.31
C GLY D 46 3.02 -22.42 8.41
N LYS D 47 2.56 -21.43 9.19
CA LYS D 47 1.59 -21.65 10.25
C LYS D 47 0.28 -22.11 9.63
N GLN D 48 -0.23 -23.21 10.15
CA GLN D 48 -1.50 -23.76 9.74
C GLN D 48 -2.47 -23.78 10.94
N VAL D 49 -3.74 -23.49 10.67
CA VAL D 49 -4.84 -23.53 11.67
C VAL D 49 -5.79 -24.60 11.14
N GLY D 50 -6.09 -25.61 11.96
CA GLY D 50 -6.99 -26.70 11.57
C GLY D 50 -8.42 -26.29 11.23
N SER D 51 -9.20 -27.24 10.70
CA SER D 51 -10.59 -27.00 10.30
C SER D 51 -11.44 -26.61 11.51
N HIS D 52 -12.13 -25.48 11.37
CA HIS D 52 -12.96 -24.94 12.45
C HIS D 52 -14.03 -24.01 11.90
N SER D 53 -14.92 -23.57 12.77
CA SER D 53 -15.97 -22.62 12.40
C SER D 53 -16.48 -21.84 13.59
N VAL D 54 -17.20 -20.78 13.26
CA VAL D 54 -17.84 -19.90 14.25
C VAL D 54 -19.34 -19.94 13.94
N ALA D 55 -20.17 -19.75 14.97
CA ALA D 55 -21.63 -19.82 14.82
C ALA D 55 -22.20 -18.88 13.75
N GLY D 56 -21.78 -17.62 13.79
CA GLY D 56 -22.28 -16.62 12.87
C GLY D 56 -21.44 -16.42 11.62
N PRO D 57 -21.95 -15.63 10.66
CA PRO D 57 -21.17 -15.35 9.47
C PRO D 57 -19.95 -14.52 9.80
N SER D 58 -19.00 -14.52 8.88
CA SER D 58 -17.76 -13.79 9.08
C SER D 58 -17.06 -13.43 7.79
N THR D 59 -16.14 -12.46 7.90
CA THR D 59 -15.29 -12.04 6.79
C THR D 59 -13.82 -12.12 7.24
N ILE D 60 -12.97 -12.49 6.30
CA ILE D 60 -11.51 -12.60 6.51
C ILE D 60 -10.86 -11.74 5.42
N GLN D 61 -10.17 -10.67 5.84
CA GLN D 61 -9.49 -9.76 4.93
C GLN D 61 -7.99 -10.04 5.02
N CYS D 62 -7.35 -10.22 3.87
CA CYS D 62 -5.89 -10.44 3.83
C CYS D 62 -5.26 -9.05 3.77
N LEU D 63 -4.64 -8.63 4.87
CA LEU D 63 -4.04 -7.28 4.99
C LEU D 63 -2.68 -7.21 4.31
N GLU D 64 -1.98 -8.34 4.30
CA GLU D 64 -0.67 -8.46 3.67
C GLU D 64 -0.31 -9.95 3.58
N GLY D 65 0.67 -10.23 2.73
CA GLY D 65 1.15 -11.59 2.49
C GLY D 65 0.17 -12.44 1.70
N GLU D 66 0.36 -13.76 1.81
CA GLU D 66 -0.46 -14.74 1.07
C GLU D 66 -0.84 -15.87 2.03
N VAL D 67 -2.10 -16.30 1.92
CA VAL D 67 -2.67 -17.30 2.80
C VAL D 67 -3.66 -18.14 1.99
N GLU D 68 -3.74 -19.43 2.29
CA GLU D 68 -4.73 -20.32 1.68
C GLU D 68 -5.77 -20.59 2.75
N ILE D 69 -7.04 -20.33 2.43
CA ILE D 69 -8.15 -20.62 3.32
C ILE D 69 -8.91 -21.77 2.66
N GLY D 70 -8.96 -22.93 3.31
CA GLY D 70 -9.70 -24.09 2.76
C GLY D 70 -11.15 -23.93 3.11
N VAL D 71 -12.03 -23.92 2.11
CA VAL D 71 -13.50 -23.86 2.31
C VAL D 71 -14.18 -24.75 1.24
N ASP D 72 -15.23 -25.49 1.62
CA ASP D 72 -15.96 -26.40 0.72
C ASP D 72 -15.04 -27.41 -0.02
N GLY D 73 -14.07 -27.96 0.71
CA GLY D 73 -13.11 -28.93 0.15
C GLY D 73 -12.18 -28.38 -0.91
N ALA D 74 -11.86 -27.09 -0.83
CA ALA D 74 -10.99 -26.43 -1.80
C ALA D 74 -10.25 -25.23 -1.22
N GLN D 75 -8.97 -25.10 -1.54
CA GLN D 75 -8.14 -24.01 -1.03
C GLN D 75 -8.41 -22.73 -1.80
N ARG D 76 -8.67 -21.63 -1.08
CA ARG D 76 -8.86 -20.29 -1.64
C ARG D 76 -7.56 -19.51 -1.32
N ARG D 77 -6.81 -19.15 -2.36
CA ARG D 77 -5.55 -18.38 -2.22
C ARG D 77 -5.88 -16.87 -2.15
N LEU D 78 -5.64 -16.25 -1.01
CA LEU D 78 -5.87 -14.81 -0.84
C LEU D 78 -4.54 -14.04 -0.92
N HIS D 79 -4.58 -12.86 -1.55
CA HIS D 79 -3.49 -11.92 -1.61
C HIS D 79 -3.94 -10.65 -0.89
N GLN D 80 -3.03 -9.70 -0.73
CA GLN D 80 -3.36 -8.42 -0.09
C GLN D 80 -4.60 -7.74 -0.69
N GLY D 81 -5.51 -7.35 0.20
CA GLY D 81 -6.77 -6.71 -0.19
C GLY D 81 -7.92 -7.65 -0.47
N ASP D 82 -7.69 -8.97 -0.49
CA ASP D 82 -8.76 -9.91 -0.72
C ASP D 82 -9.58 -10.08 0.53
N LEU D 83 -10.90 -10.08 0.35
CA LEU D 83 -11.86 -10.19 1.42
C LEU D 83 -12.73 -11.40 1.12
N LEU D 84 -12.64 -12.39 2.02
CA LEU D 84 -13.37 -13.64 1.92
CA LEU D 84 -13.37 -13.64 1.92
C LEU D 84 -14.61 -13.59 2.80
N TYR D 85 -15.76 -13.97 2.25
CA TYR D 85 -17.02 -14.05 3.01
C TYR D 85 -17.25 -15.53 3.36
N LEU D 86 -17.55 -15.82 4.64
CA LEU D 86 -17.86 -17.16 5.12
C LEU D 86 -19.25 -17.14 5.75
N GLY D 87 -20.10 -18.09 5.37
CA GLY D 87 -21.43 -18.20 5.95
C GLY D 87 -21.36 -18.73 7.39
N ALA D 88 -22.51 -18.68 8.06
CA ALA D 88 -22.64 -19.18 9.44
C ALA D 88 -22.20 -20.64 9.55
N GLY D 89 -21.29 -20.92 10.49
CA GLY D 89 -20.80 -22.28 10.71
C GLY D 89 -20.02 -22.92 9.57
N ALA D 90 -19.52 -22.10 8.63
CA ALA D 90 -18.76 -22.59 7.48
C ALA D 90 -17.42 -23.10 7.98
N ALA D 91 -17.16 -24.37 7.73
CA ALA D 91 -15.92 -25.02 8.17
C ALA D 91 -14.78 -24.49 7.31
N HIS D 92 -13.69 -24.09 7.96
CA HIS D 92 -12.51 -23.62 7.24
C HIS D 92 -11.21 -23.77 8.00
N ASP D 93 -10.12 -23.89 7.24
CA ASP D 93 -8.75 -24.00 7.76
C ASP D 93 -7.91 -22.91 7.15
N VAL D 94 -6.74 -22.70 7.74
CA VAL D 94 -5.86 -21.61 7.32
C VAL D 94 -4.45 -22.18 7.13
N ASN D 95 -3.79 -21.73 6.06
CA ASN D 95 -2.44 -22.14 5.72
C ASN D 95 -1.69 -20.88 5.25
N ALA D 96 -0.80 -20.37 6.10
CA ALA D 96 -0.02 -19.19 5.80
C ALA D 96 1.07 -19.60 4.82
N ILE D 97 1.03 -19.02 3.61
CA ILE D 97 2.03 -19.28 2.56
C ILE D 97 3.23 -18.38 2.81
N THR D 98 2.97 -17.12 3.11
CA THR D 98 4.03 -16.18 3.54
C THR D 98 3.61 -15.65 4.90
N ASN D 99 4.44 -14.80 5.51
CA ASN D 99 4.02 -14.11 6.75
C ASN D 99 2.78 -13.32 6.33
N THR D 100 1.72 -13.39 7.11
CA THR D 100 0.47 -12.72 6.73
C THR D 100 -0.27 -12.20 7.96
N SER D 101 -1.11 -11.18 7.79
CA SER D 101 -1.97 -10.68 8.88
C SER D 101 -3.36 -10.58 8.27
N LEU D 102 -4.35 -11.00 9.05
CA LEU D 102 -5.74 -11.10 8.62
C LEU D 102 -6.65 -10.30 9.53
N LEU D 103 -7.62 -9.58 8.96
CA LEU D 103 -8.63 -8.88 9.73
C LEU D 103 -9.85 -9.79 9.62
N VAL D 104 -10.26 -10.32 10.77
CA VAL D 104 -11.32 -11.28 10.88
C VAL D 104 -12.47 -10.57 11.62
N THR D 105 -13.65 -10.55 11.01
CA THR D 105 -14.83 -9.91 11.58
C THR D 105 -15.88 -11.00 11.68
N VAL D 106 -16.37 -11.25 12.90
CA VAL D 106 -17.36 -12.30 13.18
C VAL D 106 -18.65 -11.71 13.75
N VAL D 107 -19.78 -12.05 13.13
CA VAL D 107 -21.10 -11.60 13.60
C VAL D 107 -21.47 -12.60 14.68
N LEU D 108 -21.77 -12.12 15.88
CA LEU D 108 -22.13 -12.96 17.02
C LEU D 108 -23.68 -13.05 17.05
N VAL D 109 -24.20 -14.28 16.99
CA VAL D 109 -25.64 -14.56 16.87
C VAL D 109 -26.19 -15.42 18.03
#